data_7WJG
#
_entry.id   7WJG
#
_cell.length_a   158.847
_cell.length_b   72.944
_cell.length_c   56.716
_cell.angle_alpha   90.000
_cell.angle_beta   94.822
_cell.angle_gamma   90.000
#
_symmetry.space_group_name_H-M   'C 1 2 1'
#
loop_
_entity.id
_entity.type
_entity.pdbx_description
1 polymer 'Putative transcriptional regulator (GntR family)'
2 non-polymer 'CITRIC ACID'
3 water water
#
_entity_poly.entity_id   1
_entity_poly.type   'polypeptide(L)'
_entity_poly.pdbx_seq_one_letter_code
;MRYQKVAIGIAQRIVDGKFPLGQKIKSRSTLASYFNVSPETARKAINVLADLDIVSVRQGSGVIVISRDKAIEYLEKFEA
TAGLKEMKQDIQRSLLKQKQELDAMNKMMDTFLSQASLIRKKFPFEPFELLLDHDSANLNKSLADLNLWHQTGATVVALK
SKGELLLSPGPYATVRKGDILYFVGDDFAFSRMKNLFDLEHHHHHH
;
_entity_poly.pdbx_strand_id   A,B
#
loop_
_chem_comp.id
_chem_comp.type
_chem_comp.name
_chem_comp.formula
CIT non-polymer 'CITRIC ACID' 'C6 H8 O7'
#
# COMPACT_ATOMS: atom_id res chain seq x y z
N MET A 1 27.55 7.57 -37.65
CA MET A 1 28.15 8.49 -36.70
C MET A 1 28.50 7.77 -35.39
N ARG A 2 29.75 7.85 -34.94
CA ARG A 2 30.10 7.36 -33.61
C ARG A 2 30.54 8.56 -32.76
N TYR A 3 29.54 9.39 -32.42
CA TYR A 3 29.78 10.55 -31.56
C TYR A 3 30.01 10.16 -30.11
N GLN A 4 29.43 9.04 -29.64
CA GLN A 4 29.60 8.71 -28.23
C GLN A 4 31.08 8.51 -27.92
N LYS A 5 31.85 8.01 -28.88
CA LYS A 5 33.29 7.93 -28.72
C LYS A 5 33.91 9.29 -28.40
N VAL A 6 33.53 10.33 -29.15
CA VAL A 6 34.10 11.65 -28.87
C VAL A 6 33.58 12.20 -27.54
N ALA A 7 32.29 12.02 -27.26
CA ALA A 7 31.70 12.52 -26.01
C ALA A 7 32.26 11.79 -24.79
N ILE A 8 32.34 10.46 -24.84
CA ILE A 8 32.94 9.71 -23.74
C ILE A 8 34.41 10.11 -23.56
N GLY A 9 35.12 10.30 -24.68
CA GLY A 9 36.52 10.69 -24.58
C GLY A 9 36.72 12.01 -23.87
N ILE A 10 35.98 13.05 -24.31
CA ILE A 10 36.03 14.34 -23.62
C ILE A 10 35.66 14.20 -22.16
N ALA A 11 34.55 13.49 -21.90
CA ALA A 11 34.06 13.36 -20.52
C ALA A 11 35.12 12.71 -19.63
N GLN A 12 35.75 11.63 -20.11
CA GLN A 12 36.86 11.02 -19.37
C GLN A 12 37.94 12.07 -19.05
N ARG A 13 38.37 12.83 -20.06
CA ARG A 13 39.40 13.86 -19.86
C ARG A 13 38.96 14.95 -18.89
N ILE A 14 37.65 15.19 -18.80
CA ILE A 14 37.16 16.14 -17.80
C ILE A 14 37.24 15.53 -16.42
N VAL A 15 36.95 14.23 -16.32
CA VAL A 15 37.01 13.56 -15.03
C VAL A 15 38.47 13.35 -14.61
N ASP A 16 39.36 13.04 -15.57
CA ASP A 16 40.80 12.92 -15.28
C ASP A 16 41.42 14.25 -14.84
N GLY A 17 41.01 15.36 -15.45
CA GLY A 17 41.68 16.63 -15.29
C GLY A 17 42.48 17.06 -16.50
N LYS A 18 42.69 16.16 -17.48
CA LYS A 18 43.35 16.57 -18.72
C LYS A 18 42.70 17.80 -19.34
N PHE A 19 41.38 17.93 -19.19
CA PHE A 19 40.61 19.10 -19.60
C PHE A 19 40.20 19.86 -18.35
N PRO A 20 40.99 20.83 -17.91
CA PRO A 20 40.67 21.52 -16.65
C PRO A 20 39.33 22.22 -16.71
N LEU A 21 38.66 22.24 -15.56
CA LEU A 21 37.46 23.03 -15.38
C LEU A 21 37.69 24.48 -15.79
N GLY A 22 36.62 25.17 -16.21
CA GLY A 22 36.67 26.57 -16.58
C GLY A 22 37.54 26.90 -17.78
N GLN A 23 38.16 25.89 -18.41
CA GLN A 23 39.04 26.14 -19.53
C GLN A 23 38.49 25.57 -20.83
N LYS A 24 38.89 26.20 -21.92
CA LYS A 24 38.52 25.78 -23.25
C LYS A 24 39.15 24.43 -23.61
N ILE A 25 38.43 23.64 -24.39
CA ILE A 25 38.97 22.37 -24.86
C ILE A 25 39.40 22.51 -26.32
N LYS A 26 39.94 21.42 -26.86
CA LYS A 26 40.49 21.39 -28.19
C LYS A 26 39.44 21.74 -29.23
N SER A 27 39.92 22.22 -30.37
CA SER A 27 39.06 22.61 -31.49
C SER A 27 38.29 21.41 -32.03
N ARG A 28 37.25 21.70 -32.82
CA ARG A 28 36.43 20.62 -33.37
C ARG A 28 37.24 19.72 -34.31
N SER A 29 37.97 20.32 -35.25
CA SER A 29 38.78 19.53 -36.18
C SER A 29 39.94 18.83 -35.50
N THR A 30 40.50 19.45 -34.46
CA THR A 30 41.53 18.78 -33.67
C THR A 30 40.98 17.54 -32.97
N LEU A 31 39.81 17.68 -32.32
CA LEU A 31 39.17 16.53 -31.71
C LEU A 31 38.79 15.48 -32.74
N ALA A 32 38.38 15.92 -33.93
CA ALA A 32 37.97 14.98 -34.97
C ALA A 32 39.13 14.06 -35.34
N SER A 33 40.33 14.63 -35.53
CA SER A 33 41.51 13.82 -35.83
C SER A 33 41.87 12.92 -34.66
N TYR A 34 41.99 13.51 -33.46
CA TYR A 34 42.40 12.74 -32.29
C TYR A 34 41.56 11.50 -32.08
N PHE A 35 40.27 11.55 -32.42
CA PHE A 35 39.39 10.41 -32.31
C PHE A 35 39.11 9.75 -33.65
N ASN A 36 39.73 10.24 -34.74
CA ASN A 36 39.60 9.65 -36.07
C ASN A 36 38.13 9.56 -36.47
N VAL A 37 37.44 10.69 -36.38
CA VAL A 37 36.04 10.78 -36.76
C VAL A 37 35.87 12.00 -37.66
N SER A 38 34.71 12.06 -38.31
CA SER A 38 34.31 13.26 -39.02
C SER A 38 34.30 14.46 -38.08
N PRO A 39 34.67 15.66 -38.54
CA PRO A 39 34.47 16.86 -37.70
C PRO A 39 33.01 17.02 -37.29
N GLU A 40 32.08 16.64 -38.16
CA GLU A 40 30.67 16.72 -37.79
C GLU A 40 30.35 15.77 -36.65
N THR A 41 31.06 14.64 -36.56
CA THR A 41 30.89 13.75 -35.44
C THR A 41 31.32 14.44 -34.15
N ALA A 42 32.48 15.09 -34.17
CA ALA A 42 32.89 15.89 -33.03
C ALA A 42 31.89 17.01 -32.74
N ARG A 43 31.32 17.64 -33.78
CA ARG A 43 30.33 18.68 -33.54
C ARG A 43 29.14 18.13 -32.79
N LYS A 44 28.65 16.95 -33.19
CA LYS A 44 27.50 16.36 -32.51
C LYS A 44 27.82 16.02 -31.06
N ALA A 45 29.03 15.50 -30.81
CA ALA A 45 29.41 15.12 -29.45
C ALA A 45 29.45 16.35 -28.54
N ILE A 46 29.99 17.46 -29.04
CA ILE A 46 30.08 18.67 -28.23
C ILE A 46 28.68 19.18 -27.87
N ASN A 47 27.77 19.17 -28.85
CA ASN A 47 26.39 19.60 -28.62
C ASN A 47 25.69 18.76 -27.56
N VAL A 48 25.94 17.45 -27.56
CA VAL A 48 25.35 16.57 -26.55
C VAL A 48 25.85 16.94 -25.17
N LEU A 49 27.16 17.20 -25.06
CA LEU A 49 27.77 17.59 -23.80
C LEU A 49 27.32 18.99 -23.37
N ALA A 50 27.14 19.90 -24.34
CA ALA A 50 26.65 21.24 -24.02
C ALA A 50 25.20 21.18 -23.54
N ASP A 51 24.41 20.29 -24.13
CA ASP A 51 23.02 20.16 -23.70
C ASP A 51 22.93 19.56 -22.31
N LEU A 52 23.94 18.79 -21.91
CA LEU A 52 24.01 18.22 -20.58
C LEU A 52 24.62 19.20 -19.59
N ASP A 53 24.97 20.41 -20.03
CA ASP A 53 25.67 21.40 -19.21
C ASP A 53 27.00 20.86 -18.67
N ILE A 54 27.64 19.98 -19.45
CA ILE A 54 29.00 19.58 -19.10
C ILE A 54 29.99 20.60 -19.61
N VAL A 55 29.78 21.08 -20.83
CA VAL A 55 30.52 22.18 -21.43
C VAL A 55 29.54 23.29 -21.79
N SER A 56 30.10 24.42 -22.23
CA SER A 56 29.32 25.64 -22.46
C SER A 56 30.01 26.48 -23.53
N VAL A 57 29.24 27.01 -24.47
CA VAL A 57 29.77 27.96 -25.44
C VAL A 57 29.19 29.34 -25.23
N ARG A 58 28.51 29.57 -24.10
CA ARG A 58 27.80 30.82 -23.83
C ARG A 58 28.73 32.04 -23.87
N GLN A 59 30.00 31.87 -23.52
CA GLN A 59 30.93 32.97 -23.54
C GLN A 59 31.40 33.33 -24.94
N GLY A 60 31.13 32.48 -25.93
CA GLY A 60 31.57 32.76 -27.28
C GLY A 60 33.07 32.71 -27.47
N SER A 61 33.76 31.95 -26.63
CA SER A 61 35.20 31.81 -26.69
C SER A 61 35.57 30.34 -26.52
N GLY A 62 34.97 29.50 -27.37
CA GLY A 62 35.25 28.08 -27.37
C GLY A 62 34.38 27.25 -26.45
N VAL A 63 34.78 26.00 -26.31
CA VAL A 63 34.03 25.01 -25.55
C VAL A 63 34.68 24.90 -24.18
N ILE A 64 34.05 25.52 -23.19
CA ILE A 64 34.54 25.59 -21.82
C ILE A 64 33.98 24.44 -21.01
N VAL A 65 34.86 23.76 -20.27
CA VAL A 65 34.41 22.79 -19.27
C VAL A 65 33.72 23.52 -18.14
N ILE A 66 32.57 23.01 -17.69
CA ILE A 66 31.89 23.67 -16.57
C ILE A 66 31.37 22.70 -15.52
N SER A 67 31.47 21.39 -15.76
CA SER A 67 30.99 20.42 -14.77
C SER A 67 31.73 19.10 -14.88
N ARG A 68 32.47 18.77 -13.82
CA ARG A 68 33.03 17.42 -13.72
C ARG A 68 31.98 16.42 -13.26
N ASP A 69 31.09 16.84 -12.35
CA ASP A 69 30.07 15.95 -11.82
C ASP A 69 29.11 15.47 -12.90
N LYS A 70 28.73 16.35 -13.82
CA LYS A 70 27.82 15.92 -14.87
C LYS A 70 28.53 15.04 -15.87
N ALA A 71 29.84 15.25 -16.06
CA ALA A 71 30.61 14.37 -16.94
C ALA A 71 30.74 12.97 -16.34
N ILE A 72 30.83 12.88 -15.02
CA ILE A 72 30.81 11.57 -14.37
C ILE A 72 29.47 10.88 -14.62
N GLU A 73 28.38 11.63 -14.45
CA GLU A 73 27.05 11.12 -14.75
C GLU A 73 26.97 10.58 -16.17
N TYR A 74 27.59 11.28 -17.12
CA TYR A 74 27.52 10.86 -18.51
C TYR A 74 28.23 9.52 -18.71
N LEU A 75 29.41 9.34 -18.11
CA LEU A 75 30.16 8.09 -18.25
C LEU A 75 29.38 6.92 -17.66
N GLU A 76 28.66 7.14 -16.57
CA GLU A 76 27.96 6.04 -15.93
C GLU A 76 26.85 5.45 -16.79
N LYS A 77 26.45 6.11 -17.88
CA LYS A 77 25.47 5.54 -18.80
C LYS A 77 26.05 4.41 -19.62
N PHE A 78 27.38 4.37 -19.77
CA PHE A 78 28.06 3.36 -20.60
C PHE A 78 28.75 2.29 -19.77
N GLU A 79 28.69 2.39 -18.47
CA GLU A 79 29.42 1.49 -17.61
C GLU A 79 28.46 0.56 -16.90
N ALA A 80 29.05 -0.45 -16.26
CA ALA A 80 28.31 -1.38 -15.43
C ALA A 80 27.30 -0.69 -14.52
N THR A 81 27.51 0.59 -14.20
CA THR A 81 26.58 1.39 -13.41
C THR A 81 25.29 1.73 -14.16
N ALA A 82 25.24 1.47 -15.47
CA ALA A 82 24.11 1.91 -16.29
C ALA A 82 22.83 1.19 -15.86
N GLY A 83 21.84 1.96 -15.37
CA GLY A 83 20.60 1.40 -14.89
C GLY A 83 20.50 1.27 -13.39
N LEU A 84 21.64 1.15 -12.69
CA LEU A 84 21.59 1.01 -11.23
C LEU A 84 20.90 2.18 -10.57
N LYS A 85 20.92 3.35 -11.20
CA LYS A 85 20.25 4.51 -10.61
C LYS A 85 18.75 4.27 -10.49
N GLU A 86 18.12 3.87 -11.58
CA GLU A 86 16.69 3.57 -11.56
C GLU A 86 16.42 2.28 -10.77
N MET A 87 17.29 1.29 -10.91
CA MET A 87 17.10 0.05 -10.17
C MET A 87 17.01 0.32 -8.68
N LYS A 88 17.90 1.16 -8.18
CA LYS A 88 17.88 1.47 -6.75
C LYS A 88 16.64 2.26 -6.40
N GLN A 89 16.21 3.17 -7.28
CA GLN A 89 14.95 3.88 -7.08
C GLN A 89 13.79 2.90 -6.90
N ASP A 90 13.70 1.92 -7.80
CA ASP A 90 12.67 0.91 -7.70
C ASP A 90 12.72 0.22 -6.35
N ILE A 91 13.91 -0.22 -5.94
CA ILE A 91 14.05 -0.89 -4.66
C ILE A 91 13.61 0.04 -3.53
N GLN A 92 14.09 1.28 -3.56
CA GLN A 92 13.74 2.20 -2.47
C GLN A 92 12.22 2.42 -2.43
N ARG A 93 11.60 2.59 -3.59
CA ARG A 93 10.16 2.78 -3.66
C ARG A 93 9.42 1.60 -3.03
N SER A 94 9.83 0.39 -3.38
CA SER A 94 9.18 -0.80 -2.85
C SER A 94 9.37 -0.91 -1.34
N LEU A 95 10.55 -0.54 -0.84
CA LEU A 95 10.78 -0.56 0.61
C LEU A 95 9.82 0.38 1.33
N LEU A 96 9.70 1.60 0.84
CA LEU A 96 8.79 2.56 1.48
C LEU A 96 7.36 2.08 1.38
N LYS A 97 6.99 1.51 0.24
CA LYS A 97 5.65 0.95 0.07
C LYS A 97 5.37 -0.13 1.10
N GLN A 98 6.33 -1.04 1.30
CA GLN A 98 6.16 -2.14 2.26
C GLN A 98 6.01 -1.62 3.69
N LYS A 99 6.76 -0.58 4.05
CA LYS A 99 6.59 0.02 5.36
C LYS A 99 5.21 0.63 5.51
N GLN A 100 4.74 1.38 4.49
CA GLN A 100 3.39 1.91 4.54
C GLN A 100 2.35 0.82 4.66
N GLU A 101 2.53 -0.27 3.91
CA GLU A 101 1.54 -1.34 3.90
C GLU A 101 1.43 -1.99 5.28
N LEU A 102 2.56 -2.19 5.96
CA LEU A 102 2.54 -2.71 7.32
C LEU A 102 1.60 -1.87 8.20
N ASP A 103 1.84 -0.55 8.26
CA ASP A 103 0.95 0.33 9.02
C ASP A 103 -0.49 0.26 8.53
N ALA A 104 -0.70 0.15 7.22
CA ALA A 104 -2.06 0.00 6.69
C ALA A 104 -2.74 -1.24 7.26
N MET A 105 -1.99 -2.35 7.40
CA MET A 105 -2.54 -3.56 7.98
C MET A 105 -2.84 -3.37 9.46
N ASN A 106 -1.88 -2.79 10.19
CA ASN A 106 -2.07 -2.44 11.59
C ASN A 106 -3.37 -1.65 11.80
N LYS A 107 -3.61 -0.64 10.95
CA LYS A 107 -4.82 0.17 11.10
C LYS A 107 -6.08 -0.67 10.91
N MET A 108 -6.10 -1.52 9.87
CA MET A 108 -7.26 -2.38 9.65
C MET A 108 -7.47 -3.31 10.83
N MET A 109 -6.37 -3.81 11.40
CA MET A 109 -6.48 -4.73 12.53
C MET A 109 -7.11 -4.05 13.74
N ASP A 110 -6.61 -2.87 14.11
CA ASP A 110 -7.16 -2.19 15.27
C ASP A 110 -8.64 -1.85 15.06
N THR A 111 -8.99 -1.42 13.84
CA THR A 111 -10.40 -1.23 13.50
C THR A 111 -11.19 -2.53 13.63
N PHE A 112 -10.60 -3.66 13.22
CA PHE A 112 -11.23 -4.97 13.44
C PHE A 112 -11.47 -5.24 14.92
N LEU A 113 -10.40 -5.17 15.73
CA LEU A 113 -10.55 -5.46 17.16
C LEU A 113 -11.59 -4.58 17.81
N SER A 114 -11.69 -3.32 17.37
CA SER A 114 -12.64 -2.40 17.98
C SER A 114 -14.08 -2.82 17.71
N GLN A 115 -14.43 -3.02 16.43
CA GLN A 115 -15.79 -3.44 16.08
C GLN A 115 -16.16 -4.79 16.73
N ALA A 116 -15.19 -5.68 16.90
CA ALA A 116 -15.50 -7.03 17.36
C ALA A 116 -15.67 -7.12 18.88
N SER A 117 -15.05 -6.20 19.62
CA SER A 117 -15.01 -6.29 21.07
C SER A 117 -16.26 -5.68 21.68
N LEU A 118 -16.56 -6.11 22.90
CA LEU A 118 -17.58 -5.47 23.72
C LEU A 118 -17.20 -4.02 23.99
N ILE A 119 -18.22 -3.19 24.25
CA ILE A 119 -17.99 -1.81 24.63
C ILE A 119 -18.26 -1.59 26.12
N ARG A 120 -19.06 -2.45 26.75
CA ARG A 120 -19.29 -2.50 28.19
C ARG A 120 -19.56 -1.11 28.78
N LYS A 121 -20.52 -0.42 28.19
CA LYS A 121 -21.03 0.79 28.81
C LYS A 121 -21.72 0.44 30.13
N LYS A 122 -21.98 1.47 30.94
CA LYS A 122 -22.61 1.27 32.24
C LYS A 122 -24.14 1.21 32.18
N PHE A 123 -24.77 1.76 31.14
CA PHE A 123 -26.22 1.93 31.17
C PHE A 123 -26.93 0.57 31.17
N PRO A 124 -28.16 0.49 31.75
CA PRO A 124 -28.89 -0.79 31.78
C PRO A 124 -29.34 -1.25 30.41
N PHE A 125 -28.39 -1.80 29.64
CA PHE A 125 -28.67 -2.34 28.32
C PHE A 125 -29.20 -3.77 28.37
N GLU A 126 -29.17 -4.43 29.52
CA GLU A 126 -29.63 -5.81 29.62
C GLU A 126 -31.14 -5.88 29.39
N PRO A 127 -31.61 -6.64 28.41
CA PRO A 127 -33.04 -6.64 28.11
C PRO A 127 -33.86 -7.39 29.13
N PHE A 128 -35.09 -6.92 29.31
CA PHE A 128 -36.09 -7.73 29.97
C PHE A 128 -36.39 -8.98 29.13
N GLU A 129 -36.97 -9.96 29.80
CA GLU A 129 -37.21 -11.26 29.22
C GLU A 129 -38.61 -11.71 29.67
N LEU A 130 -39.40 -12.25 28.74
CA LEU A 130 -40.80 -12.51 29.05
C LEU A 130 -41.33 -13.68 28.21
N LEU A 131 -41.75 -14.74 28.91
CA LEU A 131 -42.27 -15.95 28.29
C LEU A 131 -43.77 -15.79 28.06
N LEU A 132 -44.18 -15.73 26.80
CA LEU A 132 -45.59 -15.49 26.46
C LEU A 132 -46.30 -16.83 26.34
N ASP A 133 -46.59 -17.42 27.51
CA ASP A 133 -47.22 -18.73 27.58
C ASP A 133 -48.70 -18.65 27.94
N HIS A 134 -49.27 -17.46 27.93
CA HIS A 134 -50.70 -17.25 28.12
C HIS A 134 -51.34 -16.83 26.81
N ASP A 135 -52.57 -17.28 26.59
CA ASP A 135 -53.33 -16.86 25.44
C ASP A 135 -53.53 -15.35 25.44
N SER A 136 -53.64 -14.78 24.25
CA SER A 136 -53.77 -13.34 24.07
C SER A 136 -54.18 -13.07 22.64
N ALA A 137 -55.09 -12.11 22.46
CA ALA A 137 -55.42 -11.67 21.10
C ALA A 137 -54.24 -10.94 20.46
N ASN A 138 -53.23 -10.63 21.24
CA ASN A 138 -52.00 -10.00 20.77
C ASN A 138 -50.98 -10.99 20.22
N LEU A 139 -51.24 -12.29 20.35
CA LEU A 139 -50.32 -13.29 19.85
C LEU A 139 -50.66 -13.67 18.41
N ASN A 140 -49.70 -14.32 17.77
CA ASN A 140 -49.84 -14.75 16.39
C ASN A 140 -49.98 -13.56 15.44
N LYS A 141 -49.37 -12.43 15.78
CA LYS A 141 -49.37 -11.24 14.93
C LYS A 141 -47.95 -10.76 14.68
N SER A 142 -47.78 -9.99 13.60
CA SER A 142 -46.58 -9.19 13.40
C SER A 142 -46.41 -8.25 14.57
N LEU A 143 -45.19 -8.19 15.14
CA LEU A 143 -44.93 -7.23 16.21
C LEU A 143 -45.40 -5.82 15.85
N ALA A 144 -45.24 -5.43 14.58
CA ALA A 144 -45.67 -4.09 14.16
C ALA A 144 -47.14 -3.83 14.49
N ASP A 145 -47.99 -4.83 14.26
CA ASP A 145 -49.41 -4.74 14.58
C ASP A 145 -49.69 -4.44 16.05
N LEU A 146 -48.68 -4.48 16.92
CA LEU A 146 -48.90 -4.23 18.35
C LEU A 146 -48.46 -2.84 18.80
N ASN A 147 -47.73 -2.09 17.97
CA ASN A 147 -47.26 -0.74 18.32
C ASN A 147 -46.66 -0.74 19.72
N LEU A 148 -45.76 -1.70 19.95
CA LEU A 148 -45.35 -2.02 21.32
C LEU A 148 -44.69 -0.83 22.00
N TRP A 149 -43.93 -0.02 21.27
CA TRP A 149 -43.32 1.13 21.95
C TRP A 149 -44.40 2.11 22.40
N HIS A 150 -45.36 2.40 21.53
CA HIS A 150 -46.45 3.28 21.88
C HIS A 150 -47.27 2.75 23.05
N GLN A 151 -47.50 1.42 23.11
CA GLN A 151 -48.33 0.82 24.16
C GLN A 151 -47.58 0.60 25.47
N THR A 152 -46.25 0.43 25.42
CA THR A 152 -45.51 -0.02 26.61
C THR A 152 -44.23 0.74 26.89
N GLY A 153 -43.66 1.47 25.93
CA GLY A 153 -42.35 2.06 26.11
C GLY A 153 -41.19 1.11 25.96
N ALA A 154 -41.43 -0.16 25.64
CA ALA A 154 -40.37 -1.12 25.43
C ALA A 154 -39.91 -1.15 23.97
N THR A 155 -38.60 -1.36 23.78
CA THR A 155 -38.03 -1.67 22.48
C THR A 155 -37.64 -3.15 22.44
N VAL A 156 -38.30 -3.91 21.57
CA VAL A 156 -38.01 -5.33 21.40
C VAL A 156 -36.68 -5.51 20.68
N VAL A 157 -35.80 -6.33 21.24
CA VAL A 157 -34.51 -6.60 20.65
C VAL A 157 -34.34 -8.05 20.20
N ALA A 158 -35.17 -8.98 20.65
CA ALA A 158 -34.98 -10.35 20.20
C ALA A 158 -36.25 -11.14 20.46
N LEU A 159 -36.34 -12.25 19.76
CA LEU A 159 -37.41 -13.23 19.92
C LEU A 159 -36.77 -14.61 19.96
N LYS A 160 -37.03 -15.37 21.02
CA LYS A 160 -36.67 -16.79 21.06
C LYS A 160 -37.91 -17.61 20.79
N SER A 161 -37.84 -18.47 19.78
CA SER A 161 -39.01 -19.18 19.29
C SER A 161 -38.57 -20.58 18.88
N LYS A 162 -39.18 -21.59 19.53
CA LYS A 162 -38.85 -22.99 19.32
C LYS A 162 -37.35 -23.24 19.52
N GLY A 163 -36.75 -22.52 20.48
CA GLY A 163 -35.35 -22.69 20.79
C GLY A 163 -34.39 -21.84 19.98
N GLU A 164 -34.85 -21.12 18.96
CA GLU A 164 -34.00 -20.33 18.11
C GLU A 164 -34.04 -18.87 18.56
N LEU A 165 -32.86 -18.29 18.86
CA LEU A 165 -32.76 -16.90 19.27
C LEU A 165 -32.71 -16.02 18.04
N LEU A 166 -33.77 -15.24 17.81
CA LEU A 166 -33.83 -14.36 16.66
C LEU A 166 -33.42 -12.97 17.14
N LEU A 167 -32.15 -12.67 17.00
CA LEU A 167 -31.66 -11.36 17.36
C LEU A 167 -32.11 -10.37 16.29
N SER A 168 -32.55 -9.19 16.74
CA SER A 168 -32.95 -8.09 15.85
C SER A 168 -33.94 -8.57 14.79
N PRO A 169 -35.09 -9.12 15.22
CA PRO A 169 -35.98 -9.80 14.27
C PRO A 169 -36.77 -8.86 13.39
N GLY A 170 -36.74 -7.55 13.66
CA GLY A 170 -37.40 -6.59 12.81
C GLY A 170 -38.85 -6.35 13.17
N PRO A 171 -39.50 -5.44 12.45
CA PRO A 171 -40.85 -5.02 12.85
C PRO A 171 -41.94 -6.00 12.45
N TYR A 172 -41.69 -6.92 11.52
CA TYR A 172 -42.74 -7.79 11.01
C TYR A 172 -42.55 -9.25 11.39
N ALA A 173 -41.67 -9.56 12.34
CA ALA A 173 -41.64 -10.91 12.89
C ALA A 173 -42.93 -11.17 13.66
N THR A 174 -43.53 -12.33 13.43
CA THR A 174 -44.71 -12.73 14.19
C THR A 174 -44.27 -13.26 15.55
N VAL A 175 -44.97 -12.82 16.58
CA VAL A 175 -44.73 -13.30 17.93
C VAL A 175 -45.78 -14.36 18.21
N ARG A 176 -45.34 -15.48 18.80
CA ARG A 176 -46.22 -16.61 19.02
C ARG A 176 -46.22 -17.04 20.47
N LYS A 177 -47.34 -17.60 20.91
CA LYS A 177 -47.40 -18.25 22.21
C LYS A 177 -46.28 -19.27 22.35
N GLY A 178 -45.60 -19.23 23.48
CA GLY A 178 -44.40 -20.01 23.67
C GLY A 178 -43.10 -19.30 23.32
N ASP A 179 -43.16 -18.18 22.60
CA ASP A 179 -41.95 -17.43 22.36
C ASP A 179 -41.52 -16.71 23.64
N ILE A 180 -40.25 -16.36 23.71
CA ILE A 180 -39.74 -15.44 24.72
C ILE A 180 -39.44 -14.11 24.04
N LEU A 181 -39.93 -13.02 24.63
CA LEU A 181 -39.73 -11.68 24.11
C LEU A 181 -38.62 -11.01 24.92
N TYR A 182 -37.63 -10.44 24.21
CA TYR A 182 -36.55 -9.69 24.83
C TYR A 182 -36.73 -8.22 24.51
N PHE A 183 -36.69 -7.36 25.52
CA PHE A 183 -36.91 -5.96 25.23
C PHE A 183 -36.24 -5.09 26.28
N VAL A 184 -35.87 -3.88 25.85
CA VAL A 184 -35.20 -2.91 26.70
C VAL A 184 -36.20 -1.82 27.10
N GLY A 185 -35.97 -1.22 28.25
CA GLY A 185 -36.87 -0.25 28.82
C GLY A 185 -36.73 -0.26 30.33
N ASP A 186 -37.62 0.47 31.00
CA ASP A 186 -37.59 0.52 32.46
C ASP A 186 -38.62 -0.44 33.04
N ASP A 187 -38.71 -0.47 34.38
CA ASP A 187 -39.64 -1.39 35.03
C ASP A 187 -41.08 -1.12 34.62
N PHE A 188 -41.46 0.15 34.44
CA PHE A 188 -42.80 0.48 33.99
C PHE A 188 -43.11 -0.21 32.66
N ALA A 189 -42.14 -0.21 31.74
CA ALA A 189 -42.35 -0.86 30.46
C ALA A 189 -42.54 -2.37 30.62
N PHE A 190 -41.82 -2.99 31.56
CA PHE A 190 -41.96 -4.42 31.81
C PHE A 190 -43.37 -4.78 32.27
N SER A 191 -43.92 -4.02 33.22
CA SER A 191 -45.27 -4.31 33.67
C SER A 191 -46.26 -4.19 32.53
N ARG A 192 -46.25 -3.03 31.85
CA ARG A 192 -47.16 -2.80 30.73
C ARG A 192 -47.07 -3.92 29.70
N MET A 193 -45.88 -4.45 29.47
CA MET A 193 -45.75 -5.58 28.54
C MET A 193 -46.41 -6.83 29.11
N LYS A 194 -46.19 -7.12 30.40
CA LYS A 194 -46.85 -8.25 31.05
C LYS A 194 -48.35 -8.16 30.91
N ASN A 195 -48.90 -6.98 31.18
CA ASN A 195 -50.34 -6.85 31.10
C ASN A 195 -50.84 -6.92 29.67
N LEU A 196 -50.04 -6.45 28.70
CA LEU A 196 -50.48 -6.49 27.30
C LEU A 196 -50.65 -7.93 26.84
N PHE A 197 -49.76 -8.82 27.27
CA PHE A 197 -49.78 -10.22 26.87
C PHE A 197 -50.49 -11.12 27.89
N ASP A 198 -51.23 -10.54 28.84
CA ASP A 198 -52.19 -11.24 29.72
C ASP A 198 -51.48 -12.22 30.66
N LEU A 199 -50.51 -11.70 31.41
CA LEU A 199 -49.72 -12.52 32.31
C LEU A 199 -49.94 -12.14 33.79
N MET B 1 -33.24 -12.18 8.84
CA MET B 1 -34.60 -12.71 8.74
C MET B 1 -34.99 -13.00 7.30
N ARG B 2 -35.54 -14.19 7.06
CA ARG B 2 -35.86 -14.59 5.70
C ARG B 2 -36.75 -13.56 5.00
N TYR B 3 -37.79 -13.08 5.70
CA TYR B 3 -38.69 -12.10 5.07
C TYR B 3 -37.96 -10.84 4.62
N GLN B 4 -36.89 -10.47 5.30
CA GLN B 4 -36.13 -9.32 4.84
C GLN B 4 -35.28 -9.67 3.61
N LYS B 5 -34.64 -10.84 3.61
CA LYS B 5 -33.95 -11.31 2.43
C LYS B 5 -34.88 -11.34 1.22
N VAL B 6 -36.14 -11.75 1.42
CA VAL B 6 -37.11 -11.76 0.33
C VAL B 6 -37.41 -10.35 -0.15
N ALA B 7 -37.46 -9.39 0.78
CA ALA B 7 -37.60 -7.99 0.38
C ALA B 7 -36.46 -7.58 -0.54
N ILE B 8 -35.22 -7.94 -0.19
CA ILE B 8 -34.10 -7.68 -1.11
C ILE B 8 -34.40 -8.31 -2.47
N GLY B 9 -34.82 -9.58 -2.44
CA GLY B 9 -35.10 -10.29 -3.68
C GLY B 9 -36.17 -9.61 -4.50
N ILE B 10 -37.31 -9.29 -3.88
CA ILE B 10 -38.34 -8.53 -4.60
C ILE B 10 -37.76 -7.23 -5.15
N ALA B 11 -36.97 -6.52 -4.36
CA ALA B 11 -36.37 -5.27 -4.84
C ALA B 11 -35.47 -5.52 -6.04
N GLN B 12 -34.79 -6.66 -6.08
CA GLN B 12 -33.97 -6.98 -7.26
C GLN B 12 -34.85 -7.19 -8.49
N ARG B 13 -36.00 -7.83 -8.33
CA ARG B 13 -36.92 -8.00 -9.44
C ARG B 13 -37.45 -6.65 -9.92
N ILE B 14 -37.51 -5.66 -9.03
CA ILE B 14 -37.92 -4.31 -9.42
C ILE B 14 -36.82 -3.65 -10.23
N VAL B 15 -35.57 -3.78 -9.78
CA VAL B 15 -34.45 -3.14 -10.45
C VAL B 15 -34.28 -3.70 -11.86
N ASP B 16 -34.30 -5.03 -12.00
CA ASP B 16 -34.28 -5.68 -13.31
C ASP B 16 -35.55 -5.43 -14.13
N GLY B 17 -36.49 -4.66 -13.60
CA GLY B 17 -37.69 -4.34 -14.32
C GLY B 17 -38.67 -5.47 -14.53
N LYS B 18 -38.47 -6.62 -13.90
CA LYS B 18 -39.47 -7.70 -13.98
C LYS B 18 -40.78 -7.32 -13.30
N PHE B 19 -40.72 -6.45 -12.29
CA PHE B 19 -41.92 -5.81 -11.73
C PHE B 19 -41.81 -4.33 -12.08
N PRO B 20 -42.45 -3.90 -13.16
CA PRO B 20 -42.16 -2.56 -13.70
C PRO B 20 -42.71 -1.44 -12.81
N LEU B 21 -42.07 -0.27 -12.96
CA LEU B 21 -42.43 0.90 -12.18
C LEU B 21 -43.82 1.38 -12.58
N GLY B 22 -44.66 1.65 -11.60
CA GLY B 22 -46.01 2.15 -11.83
C GLY B 22 -47.09 1.09 -11.96
N GLN B 23 -46.73 -0.20 -11.97
CA GLN B 23 -47.70 -1.26 -12.18
C GLN B 23 -47.91 -2.10 -10.92
N LYS B 24 -49.18 -2.36 -10.59
CA LYS B 24 -49.54 -3.38 -9.61
C LYS B 24 -48.77 -4.63 -9.93
N ILE B 25 -48.12 -5.21 -8.92
CA ILE B 25 -47.39 -6.44 -9.18
C ILE B 25 -48.39 -7.48 -9.64
N LYS B 26 -48.29 -7.86 -10.92
CA LYS B 26 -49.24 -8.77 -11.53
C LYS B 26 -49.27 -10.13 -10.82
N SER B 27 -48.14 -10.60 -10.28
CA SER B 27 -47.98 -11.95 -9.74
C SER B 27 -48.21 -12.04 -8.22
N ARG B 28 -48.94 -11.08 -7.62
CA ARG B 28 -49.02 -10.97 -6.17
C ARG B 28 -49.61 -12.21 -5.53
N SER B 29 -50.68 -12.78 -6.13
CA SER B 29 -51.25 -14.03 -5.62
C SER B 29 -50.21 -15.14 -5.61
N THR B 30 -49.14 -15.00 -6.38
CA THR B 30 -48.14 -16.04 -6.49
C THR B 30 -46.74 -15.58 -6.10
N LEU B 31 -46.59 -14.35 -5.57
CA LEU B 31 -45.26 -13.80 -5.28
C LEU B 31 -44.46 -14.68 -4.31
N ALA B 32 -45.14 -15.29 -3.34
CA ALA B 32 -44.47 -16.25 -2.46
C ALA B 32 -43.94 -17.45 -3.22
N SER B 33 -44.69 -17.91 -4.23
CA SER B 33 -44.24 -19.05 -5.00
C SER B 33 -42.94 -18.77 -5.74
N TYR B 34 -42.72 -17.51 -6.12
CA TYR B 34 -41.52 -17.19 -6.86
C TYR B 34 -40.25 -17.30 -6.02
N PHE B 35 -40.36 -17.18 -4.70
CA PHE B 35 -39.20 -17.16 -3.83
C PHE B 35 -39.14 -18.37 -2.92
N ASN B 36 -40.06 -19.31 -3.09
CA ASN B 36 -40.03 -20.55 -2.32
C ASN B 36 -40.19 -20.24 -0.83
N VAL B 37 -41.18 -19.43 -0.51
CA VAL B 37 -41.51 -19.11 0.86
C VAL B 37 -43.02 -19.14 0.98
N SER B 38 -43.49 -19.04 2.19
CA SER B 38 -44.91 -19.00 2.44
C SER B 38 -45.48 -17.63 2.12
N PRO B 39 -46.80 -17.56 1.92
CA PRO B 39 -47.46 -16.26 1.74
C PRO B 39 -47.14 -15.22 2.80
N GLU B 40 -47.09 -15.63 4.08
CA GLU B 40 -46.80 -14.68 5.14
C GLU B 40 -45.39 -14.11 5.02
N THR B 41 -44.43 -14.91 4.55
CA THR B 41 -43.08 -14.38 4.35
C THR B 41 -43.08 -13.28 3.30
N ALA B 42 -43.77 -13.51 2.17
CA ALA B 42 -43.77 -12.52 1.11
C ALA B 42 -44.54 -11.27 1.54
N ARG B 43 -45.63 -11.44 2.28
CA ARG B 43 -46.41 -10.30 2.76
C ARG B 43 -45.55 -9.41 3.63
N LYS B 44 -44.78 -10.01 4.54
CA LYS B 44 -43.88 -9.26 5.39
C LYS B 44 -42.75 -8.66 4.58
N ALA B 45 -42.29 -9.35 3.53
CA ALA B 45 -41.29 -8.73 2.65
C ALA B 45 -41.85 -7.49 1.99
N ILE B 46 -43.12 -7.55 1.58
CA ILE B 46 -43.79 -6.41 0.97
C ILE B 46 -43.87 -5.24 1.96
N ASN B 47 -44.19 -5.52 3.23
CA ASN B 47 -44.28 -4.44 4.19
C ASN B 47 -42.93 -3.74 4.39
N VAL B 48 -41.83 -4.50 4.41
CA VAL B 48 -40.51 -3.89 4.47
C VAL B 48 -40.33 -2.92 3.30
N LEU B 49 -40.70 -3.35 2.09
CA LEU B 49 -40.51 -2.49 0.92
C LEU B 49 -41.44 -1.27 0.94
N ALA B 50 -42.64 -1.39 1.52
CA ALA B 50 -43.56 -0.26 1.61
C ALA B 50 -43.05 0.79 2.58
N ASP B 51 -42.54 0.37 3.75
CA ASP B 51 -41.86 1.28 4.64
C ASP B 51 -40.77 2.06 3.89
N LEU B 52 -40.12 1.42 2.92
CA LEU B 52 -39.02 2.08 2.21
C LEU B 52 -39.51 2.88 1.03
N ASP B 53 -40.83 2.99 0.89
CA ASP B 53 -41.48 3.70 -0.21
C ASP B 53 -41.06 3.15 -1.57
N ILE B 54 -40.63 1.88 -1.60
CA ILE B 54 -40.40 1.23 -2.88
C ILE B 54 -41.72 0.76 -3.49
N VAL B 55 -42.70 0.40 -2.65
CA VAL B 55 -44.03 0.03 -3.10
C VAL B 55 -45.07 0.65 -2.21
N SER B 56 -46.30 0.67 -2.69
CA SER B 56 -47.47 0.85 -1.84
C SER B 56 -48.23 -0.46 -1.78
N VAL B 57 -48.91 -0.68 -0.66
CA VAL B 57 -49.70 -1.88 -0.45
C VAL B 57 -51.03 -1.51 0.20
N ARG B 58 -52.10 -2.05 -0.33
CA ARG B 58 -53.46 -1.80 0.14
C ARG B 58 -54.21 -3.12 0.05
N GLN B 59 -54.82 -3.56 1.15
CA GLN B 59 -55.46 -4.86 1.19
C GLN B 59 -56.60 -4.93 0.17
N GLY B 60 -56.69 -6.07 -0.51
CA GLY B 60 -57.70 -6.29 -1.53
C GLY B 60 -57.54 -5.45 -2.76
N SER B 61 -56.38 -4.82 -2.96
CA SER B 61 -56.19 -3.92 -4.08
C SER B 61 -54.78 -4.00 -4.67
N GLY B 62 -53.89 -4.79 -4.10
CA GLY B 62 -52.61 -5.06 -4.73
C GLY B 62 -51.46 -4.22 -4.21
N VAL B 63 -50.31 -4.50 -4.81
CA VAL B 63 -49.02 -3.91 -4.49
C VAL B 63 -48.52 -3.18 -5.73
N ILE B 64 -48.26 -1.89 -5.59
CA ILE B 64 -47.82 -1.05 -6.70
C ILE B 64 -46.36 -0.67 -6.51
N VAL B 65 -45.54 -0.92 -7.53
CA VAL B 65 -44.18 -0.42 -7.56
C VAL B 65 -44.22 1.09 -7.76
N ILE B 66 -43.78 1.87 -6.76
CA ILE B 66 -43.82 3.32 -6.86
C ILE B 66 -42.43 3.95 -7.00
N SER B 67 -41.35 3.20 -6.76
CA SER B 67 -40.00 3.74 -6.95
C SER B 67 -39.02 2.61 -7.24
N ARG B 68 -38.41 2.66 -8.45
CA ARG B 68 -37.25 1.82 -8.75
C ARG B 68 -35.97 2.43 -8.20
N ASP B 69 -35.90 3.77 -8.19
CA ASP B 69 -34.74 4.46 -7.63
C ASP B 69 -34.50 4.03 -6.19
N LYS B 70 -35.55 4.02 -5.38
CA LYS B 70 -35.39 3.64 -4.00
C LYS B 70 -35.01 2.16 -3.85
N ALA B 71 -35.45 1.30 -4.78
CA ALA B 71 -34.99 -0.08 -4.75
C ALA B 71 -33.51 -0.19 -5.08
N ILE B 72 -33.05 0.57 -6.08
CA ILE B 72 -31.61 0.57 -6.41
C ILE B 72 -30.79 0.92 -5.18
N GLU B 73 -31.18 2.00 -4.49
CA GLU B 73 -30.46 2.41 -3.27
C GLU B 73 -30.54 1.36 -2.17
N TYR B 74 -31.66 0.64 -2.10
CA TYR B 74 -31.78 -0.37 -1.06
C TYR B 74 -30.80 -1.51 -1.32
N LEU B 75 -30.68 -1.93 -2.58
CA LEU B 75 -29.69 -2.95 -2.90
C LEU B 75 -28.27 -2.45 -2.65
N GLU B 76 -28.04 -1.15 -2.82
CA GLU B 76 -26.72 -0.59 -2.49
C GLU B 76 -26.37 -0.80 -1.03
N LYS B 77 -27.38 -0.85 -0.14
CA LYS B 77 -27.10 -1.05 1.28
C LYS B 77 -26.46 -2.40 1.54
N PHE B 78 -26.76 -3.41 0.71
CA PHE B 78 -26.32 -4.76 1.00
C PHE B 78 -25.18 -5.23 0.10
N GLU B 79 -24.90 -4.55 -0.99
CA GLU B 79 -23.70 -4.87 -1.75
C GLU B 79 -22.44 -4.29 -1.12
N ALA B 80 -22.57 -3.21 -0.35
CA ALA B 80 -21.41 -2.59 0.26
C ALA B 80 -20.70 -3.58 1.17
N THR B 81 -19.39 -3.41 1.30
CA THR B 81 -18.60 -4.30 2.15
C THR B 81 -19.02 -4.15 3.60
N ALA B 82 -19.18 -5.30 4.27
CA ALA B 82 -19.77 -5.31 5.60
C ALA B 82 -19.40 -6.61 6.30
N GLY B 83 -19.28 -6.53 7.62
CA GLY B 83 -19.07 -7.70 8.45
C GLY B 83 -17.60 -8.04 8.65
N LEU B 84 -17.34 -8.76 9.74
CA LEU B 84 -15.95 -9.05 10.11
C LEU B 84 -15.26 -9.94 9.08
N LYS B 85 -16.02 -10.91 8.52
CA LYS B 85 -15.42 -11.85 7.58
C LYS B 85 -14.84 -11.12 6.37
N GLU B 86 -15.53 -10.09 5.89
CA GLU B 86 -15.00 -9.33 4.75
C GLU B 86 -13.78 -8.52 5.16
N MET B 87 -13.79 -7.93 6.36
CA MET B 87 -12.64 -7.15 6.80
C MET B 87 -11.42 -8.04 7.00
N LYS B 88 -11.65 -9.29 7.39
CA LYS B 88 -10.55 -10.26 7.49
C LYS B 88 -10.00 -10.59 6.11
N GLN B 89 -10.87 -10.84 5.13
CA GLN B 89 -10.39 -11.05 3.77
C GLN B 89 -9.65 -9.82 3.25
N ASP B 90 -10.11 -8.64 3.62
CA ASP B 90 -9.39 -7.41 3.34
C ASP B 90 -7.97 -7.47 3.88
N ILE B 91 -7.82 -7.78 5.18
CA ILE B 91 -6.48 -7.84 5.76
C ILE B 91 -5.65 -8.95 5.11
N GLN B 92 -6.29 -10.08 4.80
CA GLN B 92 -5.56 -11.17 4.17
C GLN B 92 -5.06 -10.79 2.78
N ARG B 93 -5.86 -10.04 2.01
CA ARG B 93 -5.39 -9.56 0.72
C ARG B 93 -4.15 -8.68 0.88
N SER B 94 -4.12 -7.85 1.92
CA SER B 94 -2.95 -7.04 2.18
C SER B 94 -1.73 -7.92 2.44
N LEU B 95 -1.92 -9.00 3.20
CA LEU B 95 -0.81 -9.91 3.49
C LEU B 95 -0.32 -10.59 2.22
N LEU B 96 -1.26 -10.96 1.34
CA LEU B 96 -0.87 -11.58 0.08
C LEU B 96 -0.14 -10.59 -0.82
N LYS B 97 -0.63 -9.35 -0.87
CA LYS B 97 0.09 -8.27 -1.55
C LYS B 97 1.52 -8.16 -1.05
N GLN B 98 1.69 -8.15 0.27
CA GLN B 98 3.04 -8.01 0.81
C GLN B 98 3.93 -9.20 0.44
N LYS B 99 3.39 -10.42 0.49
CA LYS B 99 4.16 -11.57 0.04
C LYS B 99 4.64 -11.39 -1.39
N GLN B 100 3.74 -10.94 -2.27
CA GLN B 100 4.12 -10.71 -3.66
C GLN B 100 5.18 -9.63 -3.76
N GLU B 101 5.01 -8.54 -3.03
CA GLU B 101 5.95 -7.44 -3.07
C GLU B 101 7.32 -7.86 -2.57
N LEU B 102 7.37 -8.63 -1.49
CA LEU B 102 8.64 -9.09 -0.98
C LEU B 102 9.33 -10.04 -1.97
N ASP B 103 8.56 -10.92 -2.60
CA ASP B 103 9.12 -11.78 -3.64
C ASP B 103 9.66 -10.96 -4.80
N ALA B 104 8.91 -9.95 -5.23
CA ALA B 104 9.41 -9.07 -6.28
C ALA B 104 10.72 -8.42 -5.85
N MET B 105 10.73 -7.84 -4.65
CA MET B 105 11.92 -7.20 -4.13
C MET B 105 13.10 -8.16 -4.11
N ASN B 106 12.85 -9.44 -3.82
CA ASN B 106 13.92 -10.42 -3.80
C ASN B 106 14.66 -10.46 -5.13
N LYS B 107 13.93 -10.51 -6.24
CA LYS B 107 14.56 -10.53 -7.56
C LYS B 107 15.24 -9.21 -7.89
N MET B 108 14.60 -8.08 -7.59
CA MET B 108 15.22 -6.79 -7.83
C MET B 108 16.57 -6.69 -7.12
N MET B 109 16.58 -7.01 -5.83
CA MET B 109 17.83 -6.94 -5.07
C MET B 109 18.90 -7.86 -5.64
N ASP B 110 18.50 -9.07 -6.03
CA ASP B 110 19.49 -10.03 -6.53
C ASP B 110 20.14 -9.51 -7.81
N THR B 111 19.33 -9.01 -8.74
CA THR B 111 19.87 -8.40 -9.95
C THR B 111 20.70 -7.17 -9.61
N PHE B 112 20.23 -6.34 -8.68
CA PHE B 112 20.92 -5.11 -8.35
C PHE B 112 22.31 -5.40 -7.77
N LEU B 113 22.38 -6.28 -6.76
CA LEU B 113 23.65 -6.55 -6.08
C LEU B 113 24.63 -7.28 -7.00
N SER B 114 24.12 -8.15 -7.89
CA SER B 114 24.97 -8.89 -8.80
C SER B 114 25.64 -7.96 -9.81
N GLN B 115 24.91 -6.97 -10.31
CA GLN B 115 25.48 -6.08 -11.31
C GLN B 115 26.37 -5.03 -10.65
N ALA B 116 25.99 -4.55 -9.47
CA ALA B 116 26.85 -3.58 -8.81
C ALA B 116 28.18 -4.23 -8.42
N SER B 117 28.18 -5.54 -8.21
CA SER B 117 29.39 -6.27 -7.91
C SER B 117 30.38 -6.16 -9.07
N LEU B 118 29.87 -6.04 -10.28
CA LEU B 118 30.69 -5.97 -11.47
C LEU B 118 31.25 -4.59 -11.74
N ILE B 119 30.81 -3.54 -11.04
CA ILE B 119 31.16 -2.19 -11.46
C ILE B 119 32.67 -2.06 -11.62
N ARG B 120 33.43 -2.49 -10.61
CA ARG B 120 34.85 -2.24 -10.59
C ARG B 120 35.67 -3.23 -11.41
N LYS B 121 35.03 -4.22 -12.05
CA LYS B 121 35.80 -5.31 -12.68
C LYS B 121 36.71 -4.80 -13.79
N LYS B 122 36.25 -3.85 -14.59
CA LYS B 122 37.10 -3.34 -15.66
C LYS B 122 37.86 -2.09 -15.25
N PHE B 123 37.91 -1.78 -13.96
CA PHE B 123 38.71 -0.69 -13.42
C PHE B 123 39.64 -1.18 -12.30
N PRO B 124 40.51 -2.16 -12.61
CA PRO B 124 41.45 -2.66 -11.59
C PRO B 124 42.26 -1.57 -10.90
N PHE B 125 42.60 -0.49 -11.58
CA PHE B 125 43.47 0.53 -11.03
C PHE B 125 42.71 1.67 -10.37
N GLU B 126 41.39 1.60 -10.32
CA GLU B 126 40.62 2.58 -9.61
C GLU B 126 40.79 2.37 -8.10
N PRO B 127 41.26 3.37 -7.35
CA PRO B 127 41.49 3.16 -5.92
C PRO B 127 40.19 3.01 -5.13
N PHE B 128 40.32 2.40 -3.97
CA PHE B 128 39.37 2.54 -2.87
C PHE B 128 39.89 3.63 -1.94
N GLU B 129 39.00 4.18 -1.11
CA GLU B 129 39.46 5.09 -0.07
C GLU B 129 39.00 4.60 1.29
N LEU B 130 39.75 4.98 2.32
CA LEU B 130 39.42 4.62 3.70
C LEU B 130 39.86 5.76 4.62
N LEU B 131 38.88 6.47 5.18
CA LEU B 131 39.17 7.49 6.18
C LEU B 131 39.51 6.81 7.51
N LEU B 132 40.69 7.10 8.04
CA LEU B 132 41.15 6.46 9.28
C LEU B 132 40.68 7.30 10.46
N ASP B 133 39.43 7.09 10.87
CA ASP B 133 38.82 7.91 11.92
C ASP B 133 38.36 7.10 13.14
N HIS B 134 38.66 5.82 13.21
CA HIS B 134 38.51 5.06 14.43
C HIS B 134 39.88 4.94 15.08
N ASP B 135 39.90 4.93 16.41
CA ASP B 135 41.13 4.57 17.09
C ASP B 135 41.48 3.13 16.72
N SER B 136 42.79 2.85 16.69
CA SER B 136 43.26 1.56 16.22
C SER B 136 44.73 1.43 16.59
N ALA B 137 45.13 0.21 17.00
CA ALA B 137 46.54 -0.07 17.26
C ALA B 137 47.41 0.14 16.03
N ASN B 138 46.82 0.27 14.86
CA ASN B 138 47.56 0.39 13.61
C ASN B 138 47.82 1.83 13.21
N LEU B 139 47.39 2.79 14.01
CA LEU B 139 47.70 4.18 13.71
C LEU B 139 49.09 4.52 14.25
N ASN B 140 49.65 5.60 13.71
CA ASN B 140 51.03 6.01 14.03
C ASN B 140 51.99 4.85 13.82
N LYS B 141 51.79 4.10 12.74
CA LYS B 141 52.74 3.13 12.28
C LYS B 141 53.08 3.44 10.84
N SER B 142 54.32 3.16 10.46
CA SER B 142 54.77 3.29 9.09
C SER B 142 54.19 2.17 8.24
N LEU B 143 54.11 2.44 6.93
CA LEU B 143 53.61 1.42 6.01
C LEU B 143 54.49 0.18 6.06
N ALA B 144 55.81 0.36 6.17
CA ALA B 144 56.70 -0.78 6.25
C ALA B 144 56.35 -1.68 7.44
N ASP B 145 56.04 -1.08 8.58
CA ASP B 145 55.67 -1.89 9.74
C ASP B 145 54.31 -2.51 9.58
N LEU B 146 53.43 -1.91 8.80
CA LEU B 146 52.04 -2.32 8.83
C LEU B 146 51.76 -3.63 8.08
N ASN B 147 52.62 -4.04 7.15
CA ASN B 147 52.39 -5.23 6.32
C ASN B 147 50.95 -5.24 5.78
N LEU B 148 50.51 -4.09 5.25
CA LEU B 148 49.13 -4.00 4.80
C LEU B 148 48.84 -5.02 3.69
N TRP B 149 49.75 -5.17 2.71
CA TRP B 149 49.48 -6.11 1.63
C TRP B 149 49.32 -7.52 2.18
N HIS B 150 50.25 -7.93 3.05
CA HIS B 150 50.21 -9.26 3.64
C HIS B 150 48.86 -9.55 4.29
N GLN B 151 48.28 -8.56 4.97
CA GLN B 151 47.10 -8.76 5.79
C GLN B 151 45.81 -8.42 5.07
N THR B 152 45.86 -7.85 3.88
CA THR B 152 44.65 -7.42 3.20
C THR B 152 44.60 -7.72 1.72
N GLY B 153 45.74 -7.85 1.04
CA GLY B 153 45.79 -7.83 -0.42
C GLY B 153 45.68 -6.46 -1.04
N ALA B 154 45.73 -5.38 -0.25
CA ALA B 154 45.66 -4.03 -0.78
C ALA B 154 47.06 -3.50 -1.08
N THR B 155 47.17 -2.69 -2.13
CA THR B 155 48.38 -1.92 -2.35
C THR B 155 48.05 -0.43 -2.21
N VAL B 156 48.59 0.18 -1.16
CA VAL B 156 48.42 1.61 -0.95
C VAL B 156 49.09 2.37 -2.09
N VAL B 157 48.35 3.28 -2.71
CA VAL B 157 48.88 4.09 -3.79
C VAL B 157 49.07 5.54 -3.38
N ALA B 158 48.30 6.02 -2.42
CA ALA B 158 48.34 7.42 -2.03
C ALA B 158 47.85 7.54 -0.61
N LEU B 159 48.00 8.73 -0.06
CA LEU B 159 47.64 9.00 1.32
C LEU B 159 47.30 10.48 1.38
N LYS B 160 46.20 10.81 2.05
CA LYS B 160 45.86 12.21 2.29
C LYS B 160 46.01 12.49 3.78
N SER B 161 46.92 13.40 4.12
CA SER B 161 47.23 13.73 5.50
C SER B 161 47.40 15.23 5.57
N LYS B 162 46.79 15.84 6.59
CA LYS B 162 46.86 17.30 6.80
C LYS B 162 46.53 18.05 5.51
N GLY B 163 45.53 17.57 4.78
CA GLY B 163 45.01 18.28 3.62
C GLY B 163 45.85 18.19 2.36
N GLU B 164 46.91 17.38 2.35
CA GLU B 164 47.74 17.22 1.16
C GLU B 164 47.69 15.76 0.70
N LEU B 165 47.48 15.55 -0.60
CA LEU B 165 47.45 14.20 -1.17
C LEU B 165 48.87 13.79 -1.52
N LEU B 166 49.34 12.70 -0.94
CA LEU B 166 50.71 12.26 -1.12
C LEU B 166 50.67 10.96 -1.91
N LEU B 167 50.95 11.06 -3.20
CA LEU B 167 51.01 9.90 -4.09
C LEU B 167 52.31 9.15 -3.87
N SER B 168 52.23 7.83 -3.89
CA SER B 168 53.40 6.97 -3.70
C SER B 168 54.07 7.26 -2.37
N PRO B 169 53.35 7.12 -1.25
CA PRO B 169 53.94 7.52 0.04
C PRO B 169 55.21 6.77 0.41
N GLY B 170 55.35 5.50 0.00
CA GLY B 170 56.54 4.75 0.33
C GLY B 170 56.52 4.17 1.72
N PRO B 171 57.51 3.34 2.04
CA PRO B 171 57.47 2.58 3.31
C PRO B 171 57.73 3.42 4.55
N TYR B 172 58.37 4.59 4.44
CA TYR B 172 58.63 5.41 5.63
C TYR B 172 57.42 6.23 6.04
N ALA B 173 56.39 6.29 5.19
CA ALA B 173 55.19 7.05 5.49
C ALA B 173 54.47 6.47 6.71
N THR B 174 54.08 7.35 7.63
CA THR B 174 53.34 6.93 8.82
C THR B 174 51.89 7.36 8.68
N VAL B 175 50.97 6.48 9.06
CA VAL B 175 49.55 6.78 8.97
C VAL B 175 49.11 7.39 10.29
N ARG B 176 48.20 8.35 10.20
CA ARG B 176 47.72 9.06 11.37
C ARG B 176 46.20 9.04 11.37
N LYS B 177 45.62 9.11 12.58
CA LYS B 177 44.18 9.28 12.70
C LYS B 177 43.76 10.51 11.91
N GLY B 178 42.75 10.35 11.04
CA GLY B 178 42.29 11.41 10.19
C GLY B 178 42.79 11.35 8.76
N ASP B 179 43.88 10.62 8.50
CA ASP B 179 44.31 10.42 7.13
C ASP B 179 43.28 9.64 6.32
N ILE B 180 43.35 9.80 5.01
CA ILE B 180 42.64 8.91 4.09
C ILE B 180 43.67 8.08 3.36
N LEU B 181 43.47 6.77 3.37
CA LEU B 181 44.28 5.84 2.61
C LEU B 181 43.60 5.53 1.28
N TYR B 182 44.38 5.61 0.20
CA TYR B 182 43.92 5.16 -1.10
C TYR B 182 44.71 3.92 -1.48
N PHE B 183 44.05 2.95 -2.11
CA PHE B 183 44.70 1.68 -2.36
C PHE B 183 43.95 0.92 -3.44
N VAL B 184 44.64 0.00 -4.09
CA VAL B 184 44.04 -0.82 -5.12
C VAL B 184 44.03 -2.29 -4.69
N GLY B 185 43.10 -3.03 -5.26
CA GLY B 185 42.93 -4.44 -4.95
C GLY B 185 41.56 -4.90 -5.39
N ASP B 186 41.13 -6.04 -4.86
CA ASP B 186 39.78 -6.49 -5.14
C ASP B 186 38.88 -6.15 -3.96
N ASP B 187 37.62 -6.60 -4.01
CA ASP B 187 36.64 -6.22 -2.98
C ASP B 187 36.98 -6.86 -1.64
N PHE B 188 37.60 -8.04 -1.63
CA PHE B 188 38.13 -8.59 -0.39
C PHE B 188 39.16 -7.66 0.23
N ALA B 189 40.03 -7.09 -0.60
CA ALA B 189 41.06 -6.20 -0.04
C ALA B 189 40.43 -4.97 0.59
N PHE B 190 39.30 -4.48 0.06
CA PHE B 190 38.65 -3.35 0.71
C PHE B 190 38.18 -3.74 2.11
N SER B 191 37.41 -4.83 2.20
CA SER B 191 36.89 -5.27 3.51
C SER B 191 38.01 -5.52 4.50
N ARG B 192 39.12 -6.08 4.03
CA ARG B 192 40.20 -6.42 4.95
C ARG B 192 40.93 -5.17 5.42
N MET B 193 41.07 -4.15 4.55
CA MET B 193 41.60 -2.88 5.04
C MET B 193 40.70 -2.31 6.11
N LYS B 194 39.38 -2.33 5.85
CA LYS B 194 38.40 -1.80 6.79
C LYS B 194 38.51 -2.47 8.16
N ASN B 195 38.50 -3.81 8.18
CA ASN B 195 38.61 -4.54 9.45
C ASN B 195 39.89 -4.14 10.18
N LEU B 196 40.98 -4.00 9.44
CA LEU B 196 42.29 -3.80 10.02
C LEU B 196 42.39 -2.50 10.80
N PHE B 197 41.69 -1.46 10.36
CA PHE B 197 41.76 -0.17 11.03
C PHE B 197 40.54 0.13 11.90
N ASP B 198 39.67 -0.85 12.13
CA ASP B 198 38.45 -0.61 12.91
C ASP B 198 38.73 -0.65 14.40
C1 CIT C . 19.50 31.28 -24.94
O1 CIT C . 19.37 30.17 -24.55
O2 CIT C . 19.56 31.54 -26.10
C2 CIT C . 19.61 32.38 -23.91
C3 CIT C . 20.99 33.00 -23.73
O7 CIT C . 21.37 33.60 -24.94
C4 CIT C . 20.98 34.11 -22.70
C5 CIT C . 22.25 34.91 -22.61
O3 CIT C . 23.20 34.64 -23.32
O4 CIT C . 22.26 35.78 -21.81
C6 CIT C . 22.00 31.91 -23.30
O5 CIT C . 21.96 31.57 -22.13
O6 CIT C . 22.74 31.46 -24.15
#